data_5YR2
#
_entry.id   5YR2
#
_cell.length_a   50.640
_cell.length_b   63.709
_cell.length_c   69.159
_cell.angle_alpha   90.00
_cell.angle_beta   101.09
_cell.angle_gamma   90.00
#
_symmetry.space_group_name_H-M   'P 1 21 1'
#
loop_
_entity.id
_entity.type
_entity.pdbx_description
1 polymer 'Green fluorescent protein'
2 water water
#
_entity_poly.entity_id   1
_entity_poly.type   'polypeptide(L)'
_entity_poly.pdbx_seq_one_letter_code
;MNSHNVYITADKQKNGIKANFKIRHNVEDGSVQLADHYQQNTPIGDGPVLLPDNHYLSTQSVLSKDPNEKRDHMVLLEFV
TAAGITHGMDEGGTGGSMSKGEELFTGVVPILVELDGDVNGHKFSVRGEGEGDATNGKLTLKFICTTGKLPVPWPTLVTT
L(BF9)VQCFSRYPDHMKRHDFFKSAMPEGYVQERTISFKDDGTYKTRAEVKFEGDTLVNRIELKGIDFKEDGNILGHKL
EYNLEHHHHHH
;
_entity_poly.pdbx_strand_id   A,B
#
# COMPACT_ATOMS: atom_id res chain seq x y z
N ASN A 2 9.57 11.78 -23.67
CA ASN A 2 9.59 13.18 -23.25
C ASN A 2 8.19 13.70 -22.88
N SER A 3 7.48 14.18 -23.90
CA SER A 3 6.12 14.68 -23.76
C SER A 3 5.29 14.10 -24.89
N HIS A 4 4.09 13.61 -24.57
CA HIS A 4 3.20 12.99 -25.56
C HIS A 4 1.76 13.33 -25.24
N ASN A 5 0.91 13.30 -26.27
CA ASN A 5 -0.51 13.62 -26.13
C ASN A 5 -1.34 12.35 -26.16
N VAL A 6 -2.07 12.09 -25.07
CA VAL A 6 -2.93 10.91 -24.97
C VAL A 6 -4.32 11.30 -25.48
N TYR A 7 -4.71 10.80 -26.65
CA TYR A 7 -6.00 11.18 -27.24
C TYR A 7 -7.13 10.29 -26.73
N ILE A 8 -8.20 10.91 -26.23
CA ILE A 8 -9.30 10.22 -25.56
C ILE A 8 -10.61 10.42 -26.30
N THR A 9 -11.42 9.36 -26.38
CA THR A 9 -12.77 9.47 -26.92
CA THR A 9 -12.75 9.40 -26.99
C THR A 9 -13.69 8.56 -26.14
N ALA A 10 -14.97 8.90 -26.15
CA ALA A 10 -15.93 8.12 -25.36
C ALA A 10 -16.21 6.78 -26.04
N ASP A 11 -16.47 5.77 -25.20
CA ASP A 11 -16.89 4.44 -25.65
C ASP A 11 -18.25 4.19 -24.99
N LYS A 12 -19.31 4.63 -25.67
CA LYS A 12 -20.65 4.59 -25.08
C LYS A 12 -21.09 3.16 -24.80
N GLN A 13 -20.81 2.25 -25.74
CA GLN A 13 -21.23 0.86 -25.59
CA GLN A 13 -21.24 0.87 -25.59
C GLN A 13 -20.66 0.24 -24.32
N LYS A 14 -19.50 0.71 -23.86
CA LYS A 14 -18.87 0.19 -22.65
C LYS A 14 -18.99 1.15 -21.46
N ASN A 15 -19.74 2.25 -21.60
CA ASN A 15 -19.88 3.24 -20.53
C ASN A 15 -18.52 3.71 -20.03
N GLY A 16 -17.56 3.81 -20.94
CA GLY A 16 -16.20 4.23 -20.60
C GLY A 16 -15.54 5.03 -21.68
N ILE A 17 -14.24 4.84 -21.83
CA ILE A 17 -13.46 5.64 -22.77
CA ILE A 17 -13.37 5.66 -22.68
C ILE A 17 -12.46 4.73 -23.48
N LYS A 18 -12.02 5.21 -24.64
CA LYS A 18 -10.91 4.64 -25.39
C LYS A 18 -9.84 5.71 -25.55
N ALA A 19 -8.60 5.28 -25.70
CA ALA A 19 -7.51 6.22 -25.96
C ALA A 19 -6.49 5.56 -26.87
N ASN A 20 -5.70 6.42 -27.52
CA ASN A 20 -4.70 5.96 -28.46
C ASN A 20 -3.60 7.01 -28.52
N PHE A 21 -2.36 6.56 -28.65
CA PHE A 21 -1.24 7.51 -28.74
C PHE A 21 0.01 6.69 -29.00
N LYS A 22 1.03 7.36 -29.52
CA LYS A 22 2.34 6.76 -29.77
C LYS A 22 3.34 7.32 -28.78
N ILE A 23 4.09 6.44 -28.15
CA ILE A 23 5.27 6.85 -27.38
C ILE A 23 6.48 6.62 -28.26
N ARG A 24 7.40 7.59 -28.25
CA ARG A 24 8.66 7.50 -29.00
C ARG A 24 9.78 7.36 -27.99
N HIS A 25 10.30 6.13 -27.83
CA HIS A 25 11.41 5.88 -26.93
C HIS A 25 12.72 6.11 -27.67
N ASN A 26 13.61 6.92 -27.10
CA ASN A 26 14.92 7.10 -27.70
C ASN A 26 15.77 5.85 -27.51
N VAL A 27 16.44 5.43 -28.59
CA VAL A 27 17.34 4.28 -28.61
C VAL A 27 18.78 4.77 -28.50
N GLU A 28 19.64 3.93 -27.90
CA GLU A 28 21.02 4.34 -27.65
C GLU A 28 21.77 4.68 -28.93
N ASP A 29 21.37 4.10 -30.06
CA ASP A 29 22.02 4.42 -31.32
C ASP A 29 21.49 5.72 -31.94
N GLY A 30 20.62 6.42 -31.24
CA GLY A 30 20.07 7.65 -31.78
C GLY A 30 18.80 7.48 -32.59
N SER A 31 18.31 6.25 -32.78
CA SER A 31 17.03 6.05 -33.43
C SER A 31 15.90 6.13 -32.41
N VAL A 32 14.68 5.84 -32.86
CA VAL A 32 13.48 5.88 -32.04
CA VAL A 32 13.52 5.86 -31.99
C VAL A 32 12.81 4.52 -32.08
N GLN A 33 12.34 4.05 -30.93
CA GLN A 33 11.54 2.84 -30.80
C GLN A 33 10.09 3.26 -30.58
N LEU A 34 9.24 3.06 -31.58
CA LEU A 34 7.84 3.42 -31.47
CA LEU A 34 7.84 3.43 -31.46
C LEU A 34 7.08 2.41 -30.62
N ALA A 35 6.16 2.91 -29.79
CA ALA A 35 5.27 2.06 -29.00
C ALA A 35 3.85 2.59 -29.20
N ASP A 36 3.05 1.87 -29.99
CA ASP A 36 1.67 2.26 -30.27
C ASP A 36 0.75 1.77 -29.16
N HIS A 37 0.07 2.70 -28.49
CA HIS A 37 -0.82 2.37 -27.36
C HIS A 37 -2.28 2.37 -27.79
N TYR A 38 -2.98 1.29 -27.45
CA TYR A 38 -4.43 1.18 -27.58
C TYR A 38 -5.00 0.92 -26.20
N GLN A 39 -5.93 1.77 -25.77
CA GLN A 39 -6.37 1.82 -24.38
C GLN A 39 -7.88 1.78 -24.29
N GLN A 40 -8.38 1.09 -23.27
CA GLN A 40 -9.81 1.05 -22.94
CA GLN A 40 -9.80 1.07 -22.95
C GLN A 40 -9.97 1.17 -21.44
N ASN A 41 -10.91 2.02 -21.00
CA ASN A 41 -11.21 2.18 -19.56
C ASN A 41 -12.70 1.95 -19.35
N THR A 42 -13.03 1.15 -18.34
CA THR A 42 -14.42 0.88 -18.00
CA THR A 42 -14.41 0.82 -17.99
C THR A 42 -14.61 1.00 -16.49
N PRO A 43 -15.74 1.56 -16.05
CA PRO A 43 -15.94 1.75 -14.60
C PRO A 43 -16.15 0.43 -13.88
N ILE A 44 -15.68 0.39 -12.64
CA ILE A 44 -15.87 -0.80 -11.82
C ILE A 44 -17.24 -0.78 -11.16
N GLY A 45 -17.64 0.37 -10.63
CA GLY A 45 -18.91 0.50 -9.94
C GLY A 45 -20.07 0.70 -10.89
N ASP A 46 -21.25 0.83 -10.30
CA ASP A 46 -22.49 1.03 -11.02
C ASP A 46 -22.91 2.49 -11.11
N GLY A 47 -22.25 3.39 -10.38
CA GLY A 47 -22.61 4.78 -10.36
C GLY A 47 -22.49 5.42 -11.73
N PRO A 48 -23.18 6.53 -11.94
CA PRO A 48 -23.05 7.24 -13.21
C PRO A 48 -21.63 7.80 -13.36
N VAL A 49 -21.14 7.80 -14.60
CA VAL A 49 -19.83 8.35 -14.90
C VAL A 49 -19.98 9.39 -16.00
N LEU A 50 -18.92 10.18 -16.19
CA LEU A 50 -18.89 11.20 -17.22
C LEU A 50 -18.28 10.63 -18.49
N LEU A 51 -19.00 10.68 -19.61
CA LEU A 51 -18.44 10.26 -20.87
C LEU A 51 -18.03 11.49 -21.66
N PRO A 52 -16.77 11.61 -22.05
CA PRO A 52 -16.24 12.87 -22.56
C PRO A 52 -16.41 13.05 -24.07
N ASP A 53 -16.44 14.33 -24.47
CA ASP A 53 -16.12 14.66 -25.85
C ASP A 53 -14.64 14.38 -26.13
N ASN A 54 -14.28 14.37 -27.41
CA ASN A 54 -12.90 14.12 -27.80
C ASN A 54 -11.98 15.17 -27.17
N HIS A 55 -10.86 14.70 -26.61
CA HIS A 55 -9.88 15.60 -26.02
C HIS A 55 -8.57 14.85 -25.86
N TYR A 56 -7.56 15.50 -25.28
CA TYR A 56 -6.32 14.79 -25.03
C TYR A 56 -5.69 15.25 -23.72
N LEU A 57 -4.75 14.41 -23.23
CA LEU A 57 -3.96 14.67 -22.04
C LEU A 57 -2.52 14.96 -22.50
N SER A 58 -2.07 16.19 -22.28
CA SER A 58 -0.67 16.52 -22.53
C SER A 58 0.15 16.02 -21.35
N THR A 59 1.03 15.06 -21.59
CA THR A 59 1.74 14.32 -20.55
C THR A 59 3.24 14.52 -20.70
N GLN A 60 3.90 14.95 -19.63
N GLN A 60 3.88 14.98 -19.63
CA GLN A 60 5.34 15.11 -19.60
CA GLN A 60 5.33 15.11 -19.57
C GLN A 60 5.90 14.27 -18.46
C GLN A 60 5.84 14.20 -18.47
N SER A 61 6.84 13.39 -18.78
CA SER A 61 7.43 12.45 -17.83
C SER A 61 8.92 12.73 -17.69
N VAL A 62 9.41 12.77 -16.44
CA VAL A 62 10.81 13.02 -16.16
C VAL A 62 11.32 11.87 -15.31
N LEU A 63 12.28 11.10 -15.85
CA LEU A 63 12.79 9.91 -15.18
C LEU A 63 14.16 10.21 -14.59
N SER A 64 14.40 9.74 -13.38
CA SER A 64 15.66 10.00 -12.69
C SER A 64 16.02 8.79 -11.84
N LYS A 65 17.21 8.84 -11.25
CA LYS A 65 17.71 7.79 -10.37
C LYS A 65 18.00 8.38 -8.99
N ASP A 66 17.84 7.55 -7.98
CA ASP A 66 18.23 7.86 -6.62
C ASP A 66 19.60 7.25 -6.38
N PRO A 67 20.66 8.06 -6.26
CA PRO A 67 22.01 7.48 -6.09
C PRO A 67 22.20 6.73 -4.78
N ASN A 68 21.24 6.76 -3.86
CA ASN A 68 21.34 5.96 -2.65
C ASN A 68 20.72 4.57 -2.79
N GLU A 69 20.05 4.30 -3.90
CA GLU A 69 19.28 3.08 -4.08
C GLU A 69 20.06 2.10 -4.95
N LYS A 70 20.44 0.96 -4.37
CA LYS A 70 21.14 -0.08 -5.11
CA LYS A 70 21.14 -0.08 -5.11
C LYS A 70 20.19 -0.99 -5.88
N ARG A 71 18.93 -1.06 -5.48
CA ARG A 71 17.97 -1.89 -6.21
C ARG A 71 17.64 -1.25 -7.55
N ASP A 72 17.17 -2.08 -8.47
CA ASP A 72 16.75 -1.60 -9.78
C ASP A 72 15.49 -0.75 -9.60
N HIS A 73 15.53 0.51 -10.03
CA HIS A 73 14.48 1.43 -9.62
C HIS A 73 14.31 2.55 -10.64
N MET A 74 13.22 3.28 -10.49
CA MET A 74 12.92 4.46 -11.31
C MET A 74 12.26 5.52 -10.44
N VAL A 75 12.82 6.74 -10.47
CA VAL A 75 12.18 7.90 -9.85
C VAL A 75 11.47 8.68 -10.94
N LEU A 76 10.21 9.01 -10.72
CA LEU A 76 9.36 9.54 -11.77
C LEU A 76 8.64 10.80 -11.33
N LEU A 77 8.72 11.84 -12.16
CA LEU A 77 7.91 13.05 -12.02
CA LEU A 77 7.93 13.07 -12.02
C LEU A 77 7.07 13.21 -13.27
N GLU A 78 5.77 13.40 -13.08
CA GLU A 78 4.88 13.50 -14.24
C GLU A 78 4.02 14.75 -14.13
N PHE A 79 3.75 15.39 -15.27
CA PHE A 79 2.85 16.54 -15.33
C PHE A 79 1.82 16.25 -16.41
N VAL A 80 0.52 16.33 -16.08
CA VAL A 80 -0.53 16.02 -17.05
C VAL A 80 -1.61 17.09 -16.97
N THR A 81 -1.95 17.69 -18.11
CA THR A 81 -3.04 18.65 -18.16
C THR A 81 -3.89 18.35 -19.37
N ALA A 82 -5.22 18.32 -19.18
CA ALA A 82 -6.11 18.01 -20.29
C ALA A 82 -6.30 19.24 -21.17
N ALA A 83 -6.59 18.99 -22.45
CA ALA A 83 -6.78 20.09 -23.40
C ALA A 83 -7.59 19.58 -24.59
N GLY A 84 -7.95 20.51 -25.46
CA GLY A 84 -8.54 20.16 -26.74
C GLY A 84 -10.05 20.27 -26.82
N ILE A 85 -10.70 20.94 -25.88
CA ILE A 85 -12.13 21.14 -25.92
C ILE A 85 -12.41 22.64 -25.96
N THR A 86 -13.34 23.04 -26.81
CA THR A 86 -13.66 24.45 -27.00
C THR A 86 -14.30 25.04 -25.74
N HIS A 87 -14.30 26.36 -25.65
CA HIS A 87 -14.93 27.04 -24.52
C HIS A 87 -16.39 27.37 -24.83
N SER A 99 -18.40 15.90 -10.48
CA SER A 99 -18.75 14.59 -9.94
C SER A 99 -18.35 14.49 -8.48
N LYS A 100 -18.87 13.48 -7.79
CA LYS A 100 -18.48 13.24 -6.40
C LYS A 100 -17.03 12.78 -6.30
N GLY A 101 -16.57 12.00 -7.28
CA GLY A 101 -15.18 11.57 -7.27
C GLY A 101 -14.21 12.72 -7.37
N GLU A 102 -14.64 13.82 -7.99
CA GLU A 102 -13.84 15.04 -8.09
C GLU A 102 -13.32 15.49 -6.73
N GLU A 103 -14.18 15.41 -5.70
CA GLU A 103 -13.82 15.90 -4.37
C GLU A 103 -12.70 15.09 -3.74
N LEU A 104 -12.51 13.83 -4.15
CA LEU A 104 -11.43 13.02 -3.61
C LEU A 104 -10.04 13.52 -3.99
N PHE A 105 -9.94 14.39 -4.99
CA PHE A 105 -8.65 14.75 -5.56
C PHE A 105 -8.27 16.21 -5.32
N THR A 106 -8.98 16.89 -4.41
CA THR A 106 -8.71 18.31 -4.19
C THR A 106 -7.38 18.55 -3.48
N GLY A 107 -6.82 17.54 -2.82
CA GLY A 107 -5.57 17.72 -2.10
C GLY A 107 -4.48 16.83 -2.64
N VAL A 108 -3.50 16.50 -1.81
CA VAL A 108 -2.43 15.59 -2.19
C VAL A 108 -2.81 14.19 -1.73
N VAL A 109 -2.78 13.24 -2.65
CA VAL A 109 -3.33 11.91 -2.44
C VAL A 109 -2.18 10.91 -2.51
N PRO A 110 -2.02 10.03 -1.52
CA PRO A 110 -0.98 9.00 -1.63
C PRO A 110 -1.32 8.00 -2.72
N ILE A 111 -0.28 7.46 -3.36
CA ILE A 111 -0.43 6.50 -4.44
C ILE A 111 0.36 5.23 -4.13
N LEU A 112 -0.22 4.09 -4.48
CA LEU A 112 0.43 2.80 -4.42
C LEU A 112 0.27 2.13 -5.77
N VAL A 113 1.36 1.65 -6.36
CA VAL A 113 1.31 0.92 -7.62
C VAL A 113 1.91 -0.45 -7.40
N GLU A 114 1.21 -1.50 -7.85
CA GLU A 114 1.75 -2.85 -7.80
C GLU A 114 1.62 -3.47 -9.18
N LEU A 115 2.74 -3.94 -9.74
CA LEU A 115 2.71 -4.58 -11.05
C LEU A 115 3.33 -5.96 -10.96
N ASP A 116 2.63 -6.95 -11.53
CA ASP A 116 3.19 -8.28 -11.77
C ASP A 116 3.26 -8.49 -13.27
N GLY A 117 4.46 -8.81 -13.78
CA GLY A 117 4.65 -8.92 -15.21
C GLY A 117 5.25 -10.24 -15.61
N ASP A 118 5.02 -10.58 -16.88
CA ASP A 118 5.61 -11.75 -17.51
C ASP A 118 5.89 -11.34 -18.95
N VAL A 119 7.16 -11.15 -19.29
CA VAL A 119 7.55 -10.76 -20.64
C VAL A 119 8.36 -11.91 -21.21
N ASN A 120 7.82 -12.57 -22.23
CA ASN A 120 8.47 -13.73 -22.85
C ASN A 120 8.83 -14.78 -21.80
N GLY A 121 8.00 -14.90 -20.76
CA GLY A 121 8.27 -15.86 -19.71
C GLY A 121 9.18 -15.37 -18.60
N HIS A 122 9.73 -14.16 -18.72
CA HIS A 122 10.52 -13.58 -17.62
C HIS A 122 9.57 -12.89 -16.64
N LYS A 123 9.45 -13.45 -15.44
CA LYS A 123 8.55 -12.89 -14.44
C LYS A 123 9.26 -11.84 -13.60
N PHE A 124 8.51 -10.84 -13.17
CA PHE A 124 9.04 -9.75 -12.38
C PHE A 124 7.89 -9.01 -11.70
N SER A 125 8.22 -8.30 -10.63
CA SER A 125 7.25 -7.46 -9.94
C SER A 125 7.86 -6.08 -9.70
N VAL A 126 6.99 -5.07 -9.73
CA VAL A 126 7.36 -3.68 -9.47
C VAL A 126 6.41 -3.14 -8.41
N ARG A 127 6.94 -2.42 -7.44
CA ARG A 127 6.13 -1.70 -6.47
CA ARG A 127 6.11 -1.71 -6.48
C ARG A 127 6.49 -0.24 -6.50
N GLY A 128 5.49 0.63 -6.49
CA GLY A 128 5.72 2.06 -6.52
C GLY A 128 4.89 2.74 -5.45
N GLU A 129 5.44 3.83 -4.91
CA GLU A 129 4.71 4.64 -3.95
C GLU A 129 5.03 6.11 -4.18
N GLY A 130 4.09 6.97 -3.82
CA GLY A 130 4.31 8.39 -4.00
C GLY A 130 3.04 9.16 -3.73
N GLU A 131 2.89 10.28 -4.44
CA GLU A 131 1.71 11.10 -4.23
C GLU A 131 1.30 11.77 -5.53
N GLY A 132 0.02 12.10 -5.62
CA GLY A 132 -0.52 12.77 -6.78
C GLY A 132 -1.26 14.02 -6.35
N ASP A 133 -1.18 15.03 -7.21
CA ASP A 133 -1.75 16.35 -6.94
C ASP A 133 -2.51 16.76 -8.21
N ALA A 134 -3.78 16.38 -8.29
CA ALA A 134 -4.53 16.61 -9.52
C ALA A 134 -4.82 18.08 -9.75
N THR A 135 -4.84 18.89 -8.67
CA THR A 135 -5.06 20.31 -8.83
C THR A 135 -4.01 20.92 -9.75
N ASN A 136 -2.77 20.49 -9.60
CA ASN A 136 -1.69 20.94 -10.48
C ASN A 136 -1.33 19.93 -11.55
N GLY A 137 -1.95 18.76 -11.54
CA GLY A 137 -1.65 17.71 -12.50
C GLY A 137 -0.28 17.10 -12.35
N LYS A 138 0.21 16.97 -11.12
CA LYS A 138 1.58 16.54 -10.87
CA LYS A 138 1.58 16.53 -10.88
C LYS A 138 1.57 15.23 -10.08
N LEU A 139 2.46 14.30 -10.46
CA LEU A 139 2.67 13.02 -9.78
CA LEU A 139 2.65 13.14 -9.63
C LEU A 139 4.14 12.89 -9.42
N THR A 140 4.44 12.35 -8.24
CA THR A 140 5.81 12.02 -7.87
CA THR A 140 5.81 12.03 -7.82
C THR A 140 5.82 10.60 -7.30
N LEU A 141 6.64 9.73 -7.88
CA LEU A 141 6.65 8.33 -7.47
C LEU A 141 8.06 7.76 -7.56
N LYS A 142 8.33 6.78 -6.70
CA LYS A 142 9.52 5.94 -6.83
C LYS A 142 9.07 4.49 -7.01
N PHE A 143 9.66 3.82 -7.98
CA PHE A 143 9.34 2.43 -8.29
C PHE A 143 10.56 1.56 -8.04
N ILE A 144 10.34 0.35 -7.54
CA ILE A 144 11.41 -0.61 -7.28
C ILE A 144 11.02 -1.92 -7.94
N CYS A 145 11.96 -2.53 -8.69
CA CYS A 145 11.78 -3.92 -9.08
C CYS A 145 12.08 -4.78 -7.87
N THR A 146 11.04 -5.42 -7.33
CA THR A 146 11.19 -6.14 -6.07
C THR A 146 11.67 -7.56 -6.26
N THR A 147 11.78 -8.02 -7.51
CA THR A 147 12.22 -9.37 -7.83
C THR A 147 13.66 -9.41 -8.33
N GLY A 148 14.34 -8.28 -8.39
CA GLY A 148 15.70 -8.30 -8.89
C GLY A 148 15.93 -7.33 -10.02
N LYS A 149 16.56 -7.79 -11.10
CA LYS A 149 16.81 -6.94 -12.24
C LYS A 149 15.57 -6.89 -13.12
N LEU A 150 15.20 -5.69 -13.53
CA LEU A 150 14.06 -5.54 -14.40
C LEU A 150 14.40 -6.09 -15.78
N PRO A 151 13.60 -7.00 -16.33
CA PRO A 151 13.97 -7.62 -17.62
C PRO A 151 13.66 -6.76 -18.83
N VAL A 152 13.06 -5.59 -18.63
CA VAL A 152 12.76 -4.68 -19.75
C VAL A 152 13.22 -3.29 -19.33
N PRO A 153 13.30 -2.32 -20.24
CA PRO A 153 13.74 -0.99 -19.83
C PRO A 153 12.64 -0.28 -19.06
N TRP A 154 13.04 0.43 -17.99
CA TRP A 154 12.09 1.22 -17.23
C TRP A 154 11.21 2.12 -18.10
N PRO A 155 11.73 2.84 -19.10
CA PRO A 155 10.84 3.71 -19.90
C PRO A 155 9.65 2.98 -20.54
N THR A 156 9.79 1.70 -20.90
CA THR A 156 8.68 0.97 -21.52
C THR A 156 7.54 0.68 -20.55
N LEU A 157 7.75 0.84 -19.23
CA LEU A 157 6.72 0.58 -18.25
C LEU A 157 6.02 1.83 -17.74
N VAL A 158 6.49 3.03 -18.12
CA VAL A 158 5.95 4.27 -17.53
C VAL A 158 4.45 4.38 -17.77
N THR A 159 4.01 4.20 -19.02
CA THR A 159 2.58 4.38 -19.30
C THR A 159 1.74 3.38 -18.51
N THR A 160 2.25 2.16 -18.34
CA THR A 160 1.49 1.18 -17.60
C THR A 160 1.44 1.53 -16.11
N LEU A 161 2.56 1.96 -15.54
CA LEU A 161 2.65 2.25 -14.11
C LEU A 161 1.86 3.49 -13.73
C01 BF9 A 162 6.98 10.10 -21.85
C02 BF9 A 162 8.25 9.54 -21.76
C03 BF9 A 162 8.40 8.18 -21.52
C04 BF9 A 162 7.30 7.36 -21.34
C05 BF9 A 162 6.03 7.94 -21.42
C06 BF9 A 162 5.87 9.31 -21.65
C07 BF9 A 162 4.49 9.91 -21.76
CZ BF9 A 162 3.35 9.28 -21.01
CE2 BF9 A 162 2.11 9.21 -21.63
CD2 BF9 A 162 1.03 8.63 -20.98
CG2 BF9 A 162 1.19 8.18 -19.67
CD1 BF9 A 162 2.45 8.18 -19.09
CE1 BF9 A 162 3.52 8.77 -19.73
CB2 BF9 A 162 0.08 7.45 -19.07
CA2 BF9 A 162 0.09 6.76 -17.78
C1 BF9 A 162 0.59 6.08 -15.76
C2 BF9 A 162 -0.96 5.92 -17.24
CA3 BF9 A 162 -1.44 4.61 -15.21
C3 BF9 A 162 -2.55 5.10 -14.33
CA1 BF9 A 162 1.33 5.82 -14.50
CB1 BF9 A 162 2.59 6.58 -14.14
CG1 BF9 A 162 2.42 7.35 -12.85
N2 BF9 A 162 1.05 6.84 -16.82
N3 BF9 A 162 -0.63 5.53 -16.03
N1 BF9 A 162 1.92 4.49 -14.73
O08 BF9 A 162 4.29 10.83 -22.52
O2 BF9 A 162 -2.11 5.59 -17.88
O3 BF9 A 162 -3.38 4.27 -13.99
OG1 BF9 A 162 3.15 7.36 -15.19
N VAL A 163 -2.25 6.41 -13.85
CA VAL A 163 -3.22 6.86 -12.86
C VAL A 163 -3.71 8.20 -13.35
N GLN A 164 -4.44 8.15 -14.47
CA GLN A 164 -4.82 9.37 -15.18
C GLN A 164 -5.92 10.14 -14.47
N CYS A 165 -6.46 9.58 -13.37
CA CYS A 165 -7.28 10.40 -12.47
C CYS A 165 -6.52 11.59 -11.87
N PHE A 166 -5.19 11.63 -11.96
CA PHE A 166 -4.47 12.79 -11.44
C PHE A 166 -4.21 13.86 -12.48
N SER A 167 -4.73 13.68 -13.69
CA SER A 167 -4.68 14.73 -14.69
C SER A 167 -5.35 15.99 -14.18
N ARG A 168 -4.79 17.15 -14.52
CA ARG A 168 -5.48 18.40 -14.27
C ARG A 168 -6.46 18.65 -15.41
N TYR A 169 -7.75 18.65 -15.10
CA TYR A 169 -8.77 19.05 -16.08
C TYR A 169 -9.12 20.50 -15.85
N PRO A 170 -9.01 21.39 -16.86
CA PRO A 170 -9.44 22.78 -16.67
C PRO A 170 -10.92 22.85 -16.33
N ASP A 171 -11.28 23.98 -15.70
CA ASP A 171 -12.68 24.21 -15.31
C ASP A 171 -13.63 23.98 -16.47
N HIS A 172 -13.28 24.46 -17.66
CA HIS A 172 -14.23 24.29 -18.75
C HIS A 172 -14.28 22.85 -19.27
N MET A 173 -13.46 21.93 -18.76
CA MET A 173 -13.46 20.54 -19.19
C MET A 173 -13.87 19.58 -18.10
N LYS A 174 -14.36 20.07 -16.96
CA LYS A 174 -14.61 19.20 -15.82
C LYS A 174 -15.69 18.16 -16.14
N ARG A 175 -16.59 18.47 -17.05
CA ARG A 175 -17.62 17.49 -17.39
C ARG A 175 -17.09 16.38 -18.28
N HIS A 176 -15.80 16.40 -18.61
CA HIS A 176 -15.20 15.42 -19.50
C HIS A 176 -14.18 14.55 -18.78
N ASP A 177 -14.12 14.63 -17.46
CA ASP A 177 -13.13 13.88 -16.68
C ASP A 177 -13.76 12.55 -16.25
N PHE A 178 -13.62 11.53 -17.11
CA PHE A 178 -14.15 10.20 -16.77
C PHE A 178 -13.44 9.61 -15.57
N PHE A 179 -12.13 9.82 -15.49
CA PHE A 179 -11.31 9.11 -14.52
C PHE A 179 -11.75 9.40 -13.09
N LYS A 180 -11.92 10.68 -12.75
CA LYS A 180 -12.33 11.00 -11.39
C LYS A 180 -13.79 10.63 -11.14
N SER A 181 -14.62 10.69 -12.19
CA SER A 181 -16.04 10.41 -12.00
C SER A 181 -16.28 8.96 -11.62
N ALA A 182 -15.39 8.04 -12.01
CA ALA A 182 -15.52 6.63 -11.64
C ALA A 182 -15.10 6.33 -10.20
N MET A 183 -14.55 7.30 -9.49
CA MET A 183 -14.03 7.05 -8.14
C MET A 183 -15.14 7.28 -7.12
N PRO A 184 -15.03 6.66 -5.92
CA PRO A 184 -13.91 5.85 -5.43
C PRO A 184 -13.89 4.41 -5.91
N GLU A 185 -14.98 3.89 -6.49
CA GLU A 185 -15.03 2.48 -6.85
C GLU A 185 -14.01 2.14 -7.93
N GLY A 186 -13.79 3.06 -8.86
CA GLY A 186 -12.62 3.00 -9.71
C GLY A 186 -12.91 2.51 -11.10
N TYR A 187 -11.85 2.23 -11.85
CA TYR A 187 -12.02 1.78 -13.22
C TYR A 187 -10.98 0.73 -13.58
N VAL A 188 -11.33 -0.04 -14.60
CA VAL A 188 -10.42 -1.01 -15.22
C VAL A 188 -9.74 -0.32 -16.40
N GLN A 189 -8.42 -0.44 -16.48
CA GLN A 189 -7.67 0.14 -17.58
C GLN A 189 -6.93 -0.99 -18.30
N GLU A 190 -7.24 -1.16 -19.58
CA GLU A 190 -6.68 -2.23 -20.39
C GLU A 190 -5.94 -1.64 -21.58
N ARG A 191 -4.75 -2.16 -21.87
CA ARG A 191 -3.98 -1.68 -23.00
C ARG A 191 -3.36 -2.82 -23.79
N THR A 192 -3.21 -2.56 -25.10
CA THR A 192 -2.31 -3.29 -25.97
C THR A 192 -1.24 -2.28 -26.40
N ILE A 193 0.02 -2.58 -26.11
CA ILE A 193 1.13 -1.71 -26.49
C ILE A 193 1.96 -2.49 -27.50
N SER A 194 1.98 -2.03 -28.74
CA SER A 194 2.70 -2.70 -29.82
CA SER A 194 2.70 -2.70 -29.82
C SER A 194 4.01 -1.97 -30.07
N PHE A 195 5.12 -2.63 -29.79
CA PHE A 195 6.45 -2.07 -30.03
C PHE A 195 6.84 -2.37 -31.47
N LYS A 196 7.12 -1.33 -32.25
CA LYS A 196 7.34 -1.53 -33.68
C LYS A 196 8.51 -2.47 -33.91
N ASP A 197 8.32 -3.44 -34.82
CA ASP A 197 9.34 -4.43 -35.15
C ASP A 197 9.72 -5.30 -33.95
N ASP A 198 8.86 -5.37 -32.94
CA ASP A 198 9.19 -6.12 -31.74
C ASP A 198 7.90 -6.60 -31.10
N GLY A 199 7.91 -6.78 -29.78
CA GLY A 199 6.84 -7.47 -29.08
C GLY A 199 5.71 -6.57 -28.65
N THR A 200 4.77 -7.15 -27.89
CA THR A 200 3.56 -6.47 -27.46
C THR A 200 3.36 -6.66 -25.96
N TYR A 201 3.03 -5.58 -25.25
CA TYR A 201 2.51 -5.68 -23.90
C TYR A 201 0.98 -5.74 -23.93
N LYS A 202 0.41 -6.67 -23.18
CA LYS A 202 -1.02 -6.67 -22.87
C LYS A 202 -1.17 -6.42 -21.37
N THR A 203 -1.86 -5.37 -21.01
CA THR A 203 -1.98 -4.99 -19.61
C THR A 203 -3.44 -4.90 -19.18
N ARG A 204 -3.70 -5.25 -17.92
CA ARG A 204 -4.99 -4.99 -17.31
C ARG A 204 -4.75 -4.47 -15.90
N ALA A 205 -5.28 -3.29 -15.60
CA ALA A 205 -5.11 -2.68 -14.30
C ALA A 205 -6.45 -2.30 -13.70
N GLU A 206 -6.51 -2.35 -12.37
CA GLU A 206 -7.62 -1.78 -11.62
C GLU A 206 -7.11 -0.59 -10.82
N VAL A 207 -7.73 0.56 -11.00
CA VAL A 207 -7.34 1.80 -10.33
CA VAL A 207 -7.32 1.75 -10.27
C VAL A 207 -8.51 2.23 -9.46
N LYS A 208 -8.30 2.34 -8.15
CA LYS A 208 -9.40 2.58 -7.23
C LYS A 208 -8.83 3.03 -5.90
N PHE A 209 -9.67 3.64 -5.07
CA PHE A 209 -9.24 4.00 -3.73
C PHE A 209 -9.34 2.78 -2.82
N GLU A 210 -8.31 2.60 -2.00
CA GLU A 210 -8.33 1.63 -0.91
C GLU A 210 -8.02 2.46 0.34
N GLY A 211 -9.03 2.67 1.19
CA GLY A 211 -8.89 3.68 2.23
C GLY A 211 -8.66 5.03 1.58
N ASP A 212 -7.61 5.73 2.03
CA ASP A 212 -7.25 7.04 1.50
C ASP A 212 -6.22 6.98 0.37
N THR A 213 -5.81 5.80 -0.06
CA THR A 213 -4.76 5.67 -1.04
C THR A 213 -5.33 5.30 -2.40
N LEU A 214 -4.83 5.95 -3.44
CA LEU A 214 -5.19 5.61 -4.81
C LEU A 214 -4.25 4.49 -5.25
N VAL A 215 -4.81 3.32 -5.56
CA VAL A 215 -4.03 2.12 -5.83
C VAL A 215 -4.18 1.75 -7.29
N ASN A 216 -3.07 1.46 -7.95
CA ASN A 216 -3.05 0.97 -9.32
C ASN A 216 -2.45 -0.44 -9.30
N ARG A 217 -3.29 -1.46 -9.48
CA ARG A 217 -2.87 -2.87 -9.46
C ARG A 217 -2.90 -3.41 -10.87
N ILE A 218 -1.73 -3.83 -11.37
CA ILE A 218 -1.56 -4.14 -12.79
C ILE A 218 -1.09 -5.59 -12.97
N GLU A 219 -1.63 -6.23 -14.01
CA GLU A 219 -1.07 -7.45 -14.60
C GLU A 219 -0.58 -7.13 -16.00
N LEU A 220 0.64 -7.55 -16.33
CA LEU A 220 1.24 -7.28 -17.64
C LEU A 220 1.75 -8.59 -18.23
N LYS A 221 1.39 -8.83 -19.48
CA LYS A 221 1.89 -9.96 -20.25
C LYS A 221 2.60 -9.40 -21.47
N GLY A 222 3.85 -9.82 -21.69
CA GLY A 222 4.58 -9.41 -22.87
C GLY A 222 4.89 -10.59 -23.78
N ILE A 223 4.49 -10.50 -25.06
CA ILE A 223 4.67 -11.58 -26.01
C ILE A 223 5.51 -11.08 -27.20
N ASP A 224 6.12 -12.03 -27.91
CA ASP A 224 6.74 -11.80 -29.22
C ASP A 224 7.95 -10.88 -29.19
N PHE A 225 8.57 -10.67 -28.04
CA PHE A 225 9.73 -9.79 -28.02
C PHE A 225 10.97 -10.49 -28.58
N LYS A 226 11.84 -9.70 -29.18
CA LYS A 226 13.07 -10.20 -29.79
C LYS A 226 14.20 -10.16 -28.78
N GLU A 227 14.88 -11.29 -28.62
CA GLU A 227 15.94 -11.40 -27.63
CA GLU A 227 15.95 -11.39 -27.63
C GLU A 227 17.03 -10.36 -27.87
N ASP A 228 17.24 -9.98 -29.14
CA ASP A 228 18.23 -9.00 -29.55
C ASP A 228 17.60 -7.65 -29.90
N GLY A 229 16.33 -7.44 -29.57
CA GLY A 229 15.68 -6.19 -29.87
C GLY A 229 16.01 -5.11 -28.85
N ASN A 230 15.43 -3.93 -29.07
CA ASN A 230 15.71 -2.79 -28.21
C ASN A 230 15.21 -2.99 -26.79
N ILE A 231 14.18 -3.80 -26.60
CA ILE A 231 13.54 -3.93 -25.30
C ILE A 231 14.28 -4.98 -24.48
N LEU A 232 14.25 -6.24 -24.90
CA LEU A 232 14.96 -7.25 -24.12
C LEU A 232 16.47 -7.05 -24.17
N GLY A 233 16.95 -6.32 -25.16
CA GLY A 233 18.36 -5.98 -25.21
C GLY A 233 18.77 -4.77 -24.42
N HIS A 234 17.81 -4.09 -23.78
CA HIS A 234 18.09 -2.89 -22.98
C HIS A 234 18.88 -1.86 -23.79
N LYS A 235 18.35 -1.52 -24.96
CA LYS A 235 19.01 -0.55 -25.84
C LYS A 235 18.35 0.81 -25.80
N LEU A 236 17.41 1.03 -24.89
CA LEU A 236 16.68 2.28 -24.81
C LEU A 236 17.35 3.23 -23.83
N GLU A 237 17.38 4.51 -24.19
CA GLU A 237 17.94 5.49 -23.26
C GLU A 237 17.00 5.68 -22.09
N TYR A 238 17.59 5.93 -20.91
CA TYR A 238 16.77 6.06 -19.71
C TYR A 238 16.09 7.42 -19.62
N ASN A 239 16.82 8.51 -19.88
CA ASN A 239 16.20 9.84 -19.81
C ASN A 239 16.85 10.87 -20.75
N ASN B 2 -4.00 3.99 27.27
CA ASN B 2 -3.32 3.42 28.43
C ASN B 2 -1.98 2.79 28.05
N SER B 3 -1.39 2.05 29.00
CA SER B 3 -0.04 1.54 28.86
C SER B 3 0.03 0.12 29.43
N HIS B 4 0.65 -0.79 28.68
CA HIS B 4 0.75 -2.20 29.03
C HIS B 4 2.13 -2.71 28.62
N ASN B 5 2.55 -3.79 29.28
CA ASN B 5 3.86 -4.38 29.10
C ASN B 5 3.71 -5.72 28.39
N VAL B 6 4.30 -5.83 27.20
CA VAL B 6 4.27 -7.04 26.38
C VAL B 6 5.45 -7.90 26.79
N TYR B 7 5.22 -9.03 27.47
CA TYR B 7 6.32 -9.86 27.93
C TYR B 7 6.69 -10.89 26.87
N ILE B 8 7.99 -10.96 26.54
CA ILE B 8 8.51 -11.76 25.42
C ILE B 8 9.49 -12.79 25.93
N THR B 9 9.39 -14.02 25.40
CA THR B 9 10.39 -15.05 25.66
C THR B 9 10.72 -15.75 24.34
N ALA B 10 11.90 -16.33 24.28
CA ALA B 10 12.36 -16.96 23.06
C ALA B 10 11.72 -18.34 22.90
N ASP B 11 11.53 -18.73 21.66
CA ASP B 11 11.05 -20.06 21.28
C ASP B 11 12.15 -20.67 20.41
N LYS B 12 13.21 -21.18 21.06
CA LYS B 12 14.38 -21.62 20.32
C LYS B 12 14.01 -22.72 19.32
N GLN B 13 13.07 -23.59 19.69
CA GLN B 13 12.68 -24.68 18.82
C GLN B 13 12.09 -24.18 17.50
N LYS B 14 11.24 -23.15 17.56
CA LYS B 14 10.64 -22.60 16.36
C LYS B 14 11.39 -21.40 15.81
N ASN B 15 12.61 -21.13 16.32
CA ASN B 15 13.45 -20.04 15.82
C ASN B 15 12.72 -18.70 15.92
N GLY B 16 11.96 -18.52 16.99
CA GLY B 16 11.10 -17.35 17.11
C GLY B 16 10.88 -16.96 18.54
N ILE B 17 9.76 -16.29 18.80
CA ILE B 17 9.44 -15.80 20.13
C ILE B 17 7.99 -16.07 20.44
N LYS B 18 7.67 -16.00 21.72
CA LYS B 18 6.31 -16.02 22.23
C LYS B 18 6.12 -14.80 23.11
N ALA B 19 4.88 -14.36 23.24
CA ALA B 19 4.59 -13.23 24.12
C ALA B 19 3.26 -13.44 24.82
N ASN B 20 3.10 -12.75 25.94
CA ASN B 20 1.84 -12.82 26.67
C ASN B 20 1.67 -11.53 27.46
N PHE B 21 0.44 -11.05 27.53
CA PHE B 21 0.13 -9.84 28.29
C PHE B 21 -1.38 -9.70 28.35
N LYS B 22 -1.85 -8.93 29.32
CA LYS B 22 -3.25 -8.60 29.45
C LYS B 22 -3.48 -7.15 29.06
N ILE B 23 -4.51 -6.91 28.27
CA ILE B 23 -4.98 -5.55 28.02
C ILE B 23 -6.24 -5.36 28.87
N ARG B 24 -6.30 -4.25 29.61
CA ARG B 24 -7.46 -3.92 30.43
C ARG B 24 -8.20 -2.76 29.75
N HIS B 25 -9.23 -3.10 28.98
CA HIS B 25 -10.06 -2.10 28.33
C HIS B 25 -11.06 -1.51 29.33
N ASN B 26 -11.20 -0.19 29.32
CA ASN B 26 -12.18 0.48 30.17
C ASN B 26 -13.57 0.40 29.55
N VAL B 27 -14.55 -0.07 30.31
CA VAL B 27 -15.95 -0.11 29.93
C VAL B 27 -16.59 1.24 30.26
N GLU B 28 -17.61 1.63 29.51
CA GLU B 28 -18.15 2.97 29.71
C GLU B 28 -18.85 3.15 31.05
N ASP B 29 -19.11 2.08 31.79
CA ASP B 29 -19.68 2.24 33.12
C ASP B 29 -18.62 2.26 34.21
N GLY B 30 -17.34 2.21 33.84
CA GLY B 30 -16.24 2.22 34.79
C GLY B 30 -15.69 0.85 35.12
N SER B 31 -16.37 -0.23 34.71
CA SER B 31 -15.83 -1.57 34.86
C SER B 31 -14.72 -1.78 33.84
N VAL B 32 -14.09 -2.96 33.86
CA VAL B 32 -12.97 -3.26 32.99
CA VAL B 32 -12.95 -3.28 33.01
C VAL B 32 -13.26 -4.55 32.23
N GLN B 33 -12.84 -4.57 30.96
CA GLN B 33 -12.94 -5.73 30.10
C GLN B 33 -11.53 -6.23 29.86
N LEU B 34 -11.21 -7.42 30.37
CA LEU B 34 -9.88 -7.97 30.25
C LEU B 34 -9.74 -8.68 28.91
N ALA B 35 -8.59 -8.53 28.28
CA ALA B 35 -8.26 -9.25 27.04
C ALA B 35 -6.92 -9.92 27.23
N ASP B 36 -6.92 -11.24 27.39
CA ASP B 36 -5.69 -12.00 27.58
C ASP B 36 -5.07 -12.32 26.22
N HIS B 37 -3.84 -11.86 25.99
CA HIS B 37 -3.13 -12.07 24.72
C HIS B 37 -2.08 -13.16 24.84
N TYR B 38 -2.12 -14.10 23.91
CA TYR B 38 -1.10 -15.13 23.74
C TYR B 38 -0.55 -14.99 22.33
N GLN B 39 0.77 -14.89 22.20
CA GLN B 39 1.39 -14.48 20.95
C GLN B 39 2.53 -15.40 20.55
N GLN B 40 2.67 -15.62 19.24
CA GLN B 40 3.77 -16.41 18.68
CA GLN B 40 3.78 -16.39 18.70
C GLN B 40 4.27 -15.70 17.43
N ASN B 41 5.58 -15.57 17.29
CA ASN B 41 6.18 -14.97 16.09
C ASN B 41 7.24 -15.90 15.54
N THR B 42 7.25 -16.08 14.21
CA THR B 42 8.15 -17.02 13.55
CA THR B 42 8.12 -17.04 13.53
C THR B 42 8.67 -16.36 12.28
N PRO B 43 9.97 -16.51 12.00
CA PRO B 43 10.54 -15.88 10.80
C PRO B 43 9.94 -16.46 9.52
N ILE B 44 9.79 -15.60 8.53
CA ILE B 44 9.32 -16.06 7.21
C ILE B 44 10.48 -16.63 6.41
N GLY B 45 11.65 -15.99 6.48
CA GLY B 45 12.80 -16.44 5.73
C GLY B 45 13.66 -17.40 6.53
N ASP B 46 14.75 -17.82 5.90
CA ASP B 46 15.67 -18.80 6.48
C ASP B 46 16.92 -18.17 7.07
N GLY B 47 17.12 -16.86 6.88
CA GLY B 47 18.28 -16.18 7.41
C GLY B 47 18.29 -16.22 8.92
N PRO B 48 19.44 -15.93 9.52
CA PRO B 48 19.53 -15.98 10.97
C PRO B 48 18.77 -14.84 11.62
N VAL B 49 18.22 -15.11 12.80
CA VAL B 49 17.52 -14.09 13.57
C VAL B 49 18.07 -14.06 14.99
N LEU B 50 17.73 -13.00 15.71
CA LEU B 50 18.17 -12.83 17.08
C LEU B 50 17.11 -13.43 18.01
N LEU B 51 17.50 -14.41 18.83
CA LEU B 51 16.57 -14.95 19.81
C LEU B 51 16.85 -14.31 21.15
N PRO B 52 15.86 -13.68 21.78
CA PRO B 52 16.14 -12.79 22.91
C PRO B 52 16.07 -13.51 24.25
N ASP B 53 16.74 -12.91 25.23
CA ASP B 53 16.41 -13.24 26.62
C ASP B 53 15.06 -12.64 26.97
N ASN B 54 14.48 -13.10 28.08
CA ASN B 54 13.22 -12.53 28.55
C ASN B 54 13.33 -11.02 28.71
N HIS B 55 12.32 -10.32 28.18
CA HIS B 55 12.25 -8.87 28.35
C HIS B 55 10.79 -8.47 28.12
N TYR B 56 10.53 -7.17 28.10
CA TYR B 56 9.19 -6.73 27.74
C TYR B 56 9.23 -5.46 26.90
N LEU B 57 8.12 -5.21 26.21
CA LEU B 57 7.90 -3.95 25.53
C LEU B 57 6.91 -3.11 26.33
N SER B 58 7.35 -1.93 26.77
CA SER B 58 6.47 -0.96 27.41
C SER B 58 5.77 -0.16 26.31
N THR B 59 4.45 -0.32 26.22
CA THR B 59 3.68 0.18 25.09
C THR B 59 2.64 1.17 25.57
N GLN B 60 2.66 2.37 25.02
N GLN B 60 2.63 2.36 24.97
CA GLN B 60 1.63 3.37 25.27
CA GLN B 60 1.64 3.39 25.30
C GLN B 60 0.91 3.62 23.96
C GLN B 60 0.91 3.77 24.02
N SER B 61 -0.41 3.61 24.00
CA SER B 61 -1.24 3.85 22.83
C SER B 61 -2.17 5.00 23.11
N VAL B 62 -2.20 5.97 22.21
CA VAL B 62 -3.03 7.15 22.37
C VAL B 62 -3.97 7.17 21.17
N LEU B 63 -5.27 6.98 21.41
N LEU B 63 -5.26 6.98 21.41
CA LEU B 63 -6.26 6.93 20.35
CA LEU B 63 -6.28 6.94 20.37
C LEU B 63 -6.96 8.28 20.23
C LEU B 63 -6.92 8.30 20.24
N SER B 64 -7.16 8.74 19.00
CA SER B 64 -7.80 10.02 18.76
C SER B 64 -8.68 9.89 17.52
N LYS B 65 -9.35 10.99 17.17
CA LYS B 65 -10.22 11.01 16.01
C LYS B 65 -9.81 12.17 15.12
N ASP B 66 -9.88 11.95 13.82
CA ASP B 66 -9.78 13.01 12.83
C ASP B 66 -11.09 13.76 12.84
N PRO B 67 -11.16 14.98 13.38
CA PRO B 67 -12.47 15.63 13.58
C PRO B 67 -13.21 15.86 12.27
N ASN B 68 -12.51 15.89 11.14
CA ASN B 68 -13.09 16.14 9.84
C ASN B 68 -13.15 14.86 8.99
N GLU B 69 -13.22 13.70 9.64
CA GLU B 69 -13.37 12.42 8.95
C GLU B 69 -14.75 11.85 9.27
N LYS B 70 -15.48 11.48 8.22
CA LYS B 70 -16.84 10.97 8.38
C LYS B 70 -16.90 9.47 8.54
N ARG B 71 -15.89 8.75 8.03
CA ARG B 71 -15.90 7.29 8.05
C ARG B 71 -15.48 6.78 9.42
N ASP B 72 -15.85 5.53 9.70
CA ASP B 72 -15.45 4.91 10.96
C ASP B 72 -13.95 4.71 10.92
N HIS B 73 -13.24 5.32 11.88
CA HIS B 73 -11.78 5.37 11.79
C HIS B 73 -11.16 5.49 13.17
N MET B 74 -9.84 5.47 13.20
CA MET B 74 -9.07 5.58 14.44
C MET B 74 -7.73 6.19 14.07
N VAL B 75 -7.36 7.30 14.70
CA VAL B 75 -6.01 7.86 14.60
C VAL B 75 -5.24 7.37 15.81
N LEU B 76 -4.00 6.96 15.59
CA LEU B 76 -3.26 6.26 16.64
C LEU B 76 -1.84 6.81 16.73
N LEU B 77 -1.40 7.06 17.96
CA LEU B 77 -0.01 7.40 18.25
CA LEU B 77 -0.01 7.38 18.24
C LEU B 77 0.48 6.42 19.29
N GLU B 78 1.59 5.75 19.02
CA GLU B 78 2.05 4.68 19.88
C GLU B 78 3.51 4.89 20.21
N PHE B 79 3.90 4.57 21.45
CA PHE B 79 5.28 4.68 21.87
C PHE B 79 5.63 3.35 22.51
N VAL B 80 6.73 2.74 22.05
CA VAL B 80 7.12 1.42 22.52
C VAL B 80 8.61 1.43 22.81
N THR B 81 8.97 0.98 24.01
CA THR B 81 10.37 0.95 24.41
C THR B 81 10.61 -0.37 25.11
N ALA B 82 11.65 -1.08 24.67
CA ALA B 82 11.98 -2.37 25.26
C ALA B 82 12.68 -2.17 26.60
N ALA B 83 12.50 -3.13 27.51
CA ALA B 83 13.10 -2.99 28.83
C ALA B 83 13.22 -4.38 29.44
N GLY B 84 13.95 -4.47 30.56
CA GLY B 84 13.94 -5.66 31.37
C GLY B 84 15.10 -6.62 31.19
N ILE B 85 16.20 -6.19 30.59
CA ILE B 85 17.40 -7.00 30.43
C ILE B 85 18.54 -6.31 31.17
N THR B 86 19.30 -7.09 31.93
CA THR B 86 20.40 -6.51 32.71
C THR B 86 21.44 -5.88 31.80
N HIS B 87 22.27 -5.02 32.38
CA HIS B 87 23.35 -4.37 31.65
C HIS B 87 24.63 -5.18 31.69
N SER B 97 25.20 -2.06 15.05
CA SER B 97 23.98 -2.85 14.86
C SER B 97 24.26 -4.34 14.97
N MET B 98 23.33 -5.07 15.58
CA MET B 98 23.49 -6.50 15.83
C MET B 98 22.81 -7.37 14.78
N SER B 99 22.06 -6.78 13.85
CA SER B 99 21.49 -7.53 12.75
C SER B 99 21.43 -6.62 11.54
N LYS B 100 21.45 -7.23 10.35
CA LYS B 100 21.32 -6.44 9.13
C LYS B 100 19.95 -5.78 9.05
N GLY B 101 18.89 -6.50 9.45
CA GLY B 101 17.57 -5.91 9.39
C GLY B 101 17.44 -4.65 10.24
N GLU B 102 18.19 -4.56 11.34
CA GLU B 102 18.19 -3.36 12.16
C GLU B 102 18.41 -2.11 11.32
N GLU B 103 19.31 -2.20 10.33
CA GLU B 103 19.67 -1.04 9.52
C GLU B 103 18.50 -0.54 8.68
N LEU B 104 17.50 -1.37 8.44
CA LEU B 104 16.34 -0.95 7.66
C LEU B 104 15.46 0.05 8.40
N PHE B 105 15.69 0.26 9.69
CA PHE B 105 14.78 1.07 10.52
C PHE B 105 15.45 2.35 11.03
N THR B 106 16.56 2.76 10.42
CA THR B 106 17.30 3.91 10.94
CA THR B 106 17.30 3.91 10.94
C THR B 106 16.52 5.21 10.80
N GLY B 107 15.73 5.36 9.75
CA GLY B 107 14.98 6.58 9.60
C GLY B 107 13.49 6.41 9.85
N VAL B 108 12.70 7.04 9.00
CA VAL B 108 11.25 6.95 9.05
C VAL B 108 10.82 5.99 7.95
N VAL B 109 10.04 4.99 8.33
CA VAL B 109 9.64 3.91 7.43
C VAL B 109 8.14 4.02 7.23
N PRO B 110 7.65 4.08 6.00
CA PRO B 110 6.21 4.08 5.79
C PRO B 110 5.60 2.72 6.12
N ILE B 111 4.37 2.76 6.61
CA ILE B 111 3.67 1.58 7.10
C ILE B 111 2.32 1.46 6.40
N LEU B 112 1.97 0.24 6.01
CA LEU B 112 0.67 -0.12 5.47
C LEU B 112 0.12 -1.27 6.28
N VAL B 113 -1.14 -1.16 6.72
CA VAL B 113 -1.80 -2.24 7.45
C VAL B 113 -3.07 -2.60 6.71
N GLU B 114 -3.28 -3.91 6.50
CA GLU B 114 -4.49 -4.42 5.87
C GLU B 114 -5.04 -5.52 6.77
N LEU B 115 -6.28 -5.38 7.21
CA LEU B 115 -6.91 -6.39 8.06
C LEU B 115 -8.22 -6.82 7.44
N ASP B 116 -8.43 -8.12 7.34
CA ASP B 116 -9.73 -8.72 7.01
C ASP B 116 -10.22 -9.50 8.22
N GLY B 117 -11.42 -9.20 8.68
CA GLY B 117 -11.92 -9.78 9.90
C GLY B 117 -13.29 -10.44 9.72
N ASP B 118 -13.58 -11.34 10.66
CA ASP B 118 -14.87 -12.01 10.75
C ASP B 118 -15.08 -12.26 12.23
N VAL B 119 -15.98 -11.49 12.85
CA VAL B 119 -16.31 -11.65 14.25
C VAL B 119 -17.76 -12.10 14.33
N ASN B 120 -17.98 -13.32 14.83
CA ASN B 120 -19.33 -13.88 14.96
C ASN B 120 -20.09 -13.81 13.63
N GLY B 121 -19.37 -13.88 12.51
CA GLY B 121 -19.98 -13.79 11.21
C GLY B 121 -20.13 -12.40 10.65
N HIS B 122 -19.80 -11.35 11.40
CA HIS B 122 -19.75 -9.99 10.87
C HIS B 122 -18.41 -9.82 10.17
N LYS B 123 -18.44 -9.66 8.85
CA LYS B 123 -17.22 -9.46 8.08
C LYS B 123 -16.90 -7.97 8.00
N PHE B 124 -15.61 -7.66 7.98
CA PHE B 124 -15.20 -6.27 7.90
C PHE B 124 -13.77 -6.20 7.42
N SER B 125 -13.37 -5.01 6.97
CA SER B 125 -12.01 -4.77 6.53
CA SER B 125 -12.00 -4.77 6.54
C SER B 125 -11.53 -3.43 7.09
N VAL B 126 -10.24 -3.37 7.44
CA VAL B 126 -9.61 -2.16 7.94
C VAL B 126 -8.34 -1.92 7.14
N ARG B 127 -8.09 -0.67 6.80
CA ARG B 127 -6.85 -0.30 6.15
C ARG B 127 -6.22 0.85 6.92
N GLY B 128 -4.91 0.77 7.10
CA GLY B 128 -4.20 1.80 7.84
C GLY B 128 -2.92 2.17 7.13
N GLU B 129 -2.55 3.43 7.30
CA GLU B 129 -1.34 3.95 6.68
C GLU B 129 -0.69 4.95 7.62
N GLY B 130 0.63 5.01 7.59
CA GLY B 130 1.33 5.96 8.45
C GLY B 130 2.82 5.75 8.36
N GLU B 131 3.51 6.03 9.46
CA GLU B 131 4.96 5.88 9.47
CA GLU B 131 4.96 5.92 9.47
C GLU B 131 5.44 5.48 10.85
N GLY B 132 6.63 4.88 10.86
CA GLY B 132 7.22 4.40 12.11
C GLY B 132 8.65 4.90 12.22
N ASP B 133 9.04 5.26 13.45
CA ASP B 133 10.34 5.85 13.76
C ASP B 133 10.92 5.02 14.90
N ALA B 134 11.62 3.94 14.54
CA ALA B 134 12.10 3.00 15.54
C ALA B 134 13.14 3.62 16.46
N THR B 135 13.89 4.59 15.97
CA THR B 135 14.85 5.26 16.84
C THR B 135 14.16 5.96 18.00
N ASN B 136 12.95 6.46 17.80
CA ASN B 136 12.16 7.03 18.89
C ASN B 136 11.06 6.07 19.35
N GLY B 137 11.01 4.86 18.81
CA GLY B 137 9.96 3.94 19.20
C GLY B 137 8.56 4.45 18.95
N LYS B 138 8.35 5.26 17.92
CA LYS B 138 7.12 6.02 17.73
C LYS B 138 6.41 5.61 16.45
N LEU B 139 5.12 5.31 16.56
CA LEU B 139 4.27 4.99 15.43
C LEU B 139 3.18 6.05 15.32
N THR B 140 2.86 6.44 14.09
CA THR B 140 1.73 7.34 13.83
C THR B 140 0.97 6.81 12.64
N LEU B 141 -0.30 6.45 12.84
CA LEU B 141 -1.12 5.82 11.81
C LEU B 141 -2.56 6.34 11.88
N LYS B 142 -3.25 6.20 10.76
CA LYS B 142 -4.69 6.39 10.66
C LYS B 142 -5.29 5.14 10.04
N PHE B 143 -6.35 4.62 10.65
CA PHE B 143 -7.01 3.41 10.20
C PHE B 143 -8.44 3.73 9.78
N ILE B 144 -8.92 3.09 8.73
CA ILE B 144 -10.28 3.28 8.24
C ILE B 144 -10.95 1.93 8.12
N CYS B 145 -12.19 1.81 8.64
CA CYS B 145 -13.00 0.65 8.31
C CYS B 145 -13.56 0.86 6.91
N THR B 146 -13.10 0.05 5.95
CA THR B 146 -13.41 0.27 4.55
C THR B 146 -14.71 -0.40 4.13
N THR B 147 -15.28 -1.24 4.98
CA THR B 147 -16.54 -1.91 4.73
C THR B 147 -17.72 -1.21 5.37
N GLY B 148 -17.51 -0.05 6.00
CA GLY B 148 -18.61 0.60 6.70
C GLY B 148 -18.44 0.72 8.20
N LYS B 149 -19.44 0.29 8.96
CA LYS B 149 -19.35 0.37 10.41
C LYS B 149 -18.50 -0.79 10.92
N LEU B 150 -17.51 -0.48 11.74
CA LEU B 150 -16.75 -1.52 12.40
C LEU B 150 -17.63 -2.24 13.43
N PRO B 151 -17.71 -3.57 13.40
CA PRO B 151 -18.64 -4.27 14.28
C PRO B 151 -18.09 -4.52 15.67
N VAL B 152 -16.87 -4.10 15.95
CA VAL B 152 -16.25 -4.26 17.25
C VAL B 152 -15.67 -2.91 17.64
N PRO B 153 -15.30 -2.68 18.91
CA PRO B 153 -14.70 -1.39 19.26
C PRO B 153 -13.28 -1.31 18.74
N TRP B 154 -12.93 -0.13 18.22
CA TRP B 154 -11.56 0.12 17.78
C TRP B 154 -10.52 -0.26 18.81
N PRO B 155 -10.67 0.06 20.10
CA PRO B 155 -9.63 -0.36 21.06
C PRO B 155 -9.31 -1.85 21.04
N THR B 156 -10.27 -2.73 20.69
CA THR B 156 -10.01 -4.16 20.72
C THR B 156 -9.15 -4.64 19.55
N LEU B 157 -8.89 -3.78 18.55
CA LEU B 157 -8.10 -4.14 17.38
C LEU B 157 -6.70 -3.55 17.40
N VAL B 158 -6.40 -2.69 18.38
CA VAL B 158 -5.12 -1.99 18.41
C VAL B 158 -3.96 -2.98 18.41
N THR B 159 -3.97 -3.95 19.34
CA THR B 159 -2.84 -4.87 19.41
C THR B 159 -2.67 -5.64 18.10
N THR B 160 -3.78 -5.93 17.41
CA THR B 160 -3.67 -6.66 16.16
C THR B 160 -3.11 -5.78 15.05
N LEU B 161 -3.58 -4.53 14.96
CA LEU B 161 -3.17 -3.60 13.91
C LEU B 161 -1.73 -3.11 14.02
C01 BF9 B 162 -3.18 0.21 25.07
C02 BF9 B 162 -4.47 0.71 24.98
C03 BF9 B 162 -5.42 0.07 24.19
C04 BF9 B 162 -5.07 -1.08 23.46
C05 BF9 B 162 -3.77 -1.57 23.54
C06 BF9 B 162 -2.81 -0.92 24.33
C07 BF9 B 162 -1.41 -1.47 24.44
CZ BF9 B 162 -0.79 -2.17 23.28
CE2 BF9 B 162 -0.02 -3.30 23.56
CD2 BF9 B 162 0.57 -3.99 22.51
CG2 BF9 B 162 0.44 -3.52 21.21
CD1 BF9 B 162 -0.40 -2.45 20.92
CE1 BF9 B 162 -0.98 -1.75 21.97
CB2 BF9 B 162 0.96 -4.37 20.15
CA2 BF9 B 162 0.78 -4.18 18.72
C1 BF9 B 162 0.41 -3.32 16.76
C2 BF9 B 162 1.18 -5.11 17.67
CA3 BF9 B 162 1.14 -5.23 15.21
C3 BF9 B 162 2.47 -5.25 14.51
CA1 BF9 B 162 -0.06 -2.39 15.72
CB1 BF9 B 162 -0.65 -1.05 16.13
CG1 BF9 B 162 -0.31 0.05 15.12
N2 BF9 B 162 0.33 -3.07 18.11
N3 BF9 B 162 0.93 -4.56 16.49
N1 BF9 B 162 -1.34 -2.96 15.38
O08 BF9 B 162 -0.82 -1.43 25.51
O2 BF9 B 162 1.71 -6.33 17.89
O3 BF9 B 162 2.66 -6.14 13.69
OG1 BF9 B 162 -0.45 -0.69 17.49
N VAL B 163 3.09 -4.02 14.83
CA VAL B 163 4.33 -3.87 14.05
C VAL B 163 5.45 -3.63 15.03
N GLN B 164 5.73 -4.64 15.86
CA GLN B 164 6.64 -4.43 16.97
C GLN B 164 8.08 -4.25 16.53
N CYS B 165 8.37 -4.37 15.23
CA CYS B 165 9.69 -4.02 14.72
C CYS B 165 9.98 -2.53 14.88
N PHE B 166 8.98 -1.71 15.20
CA PHE B 166 9.21 -0.30 15.45
C PHE B 166 9.47 0.01 16.92
N SER B 167 9.56 -1.01 17.78
CA SER B 167 9.95 -0.77 19.16
C SER B 167 11.36 -0.17 19.21
N ARG B 168 11.59 0.71 20.19
CA ARG B 168 12.94 1.18 20.49
C ARG B 168 13.62 0.20 21.43
N TYR B 169 14.65 -0.49 20.95
CA TYR B 169 15.50 -1.28 21.82
C TYR B 169 16.68 -0.43 22.28
N PRO B 170 16.87 -0.21 23.58
CA PRO B 170 18.06 0.52 24.04
C PRO B 170 19.33 -0.17 23.56
N ASP B 171 20.44 0.58 23.61
CA ASP B 171 21.71 0.07 23.09
C ASP B 171 22.08 -1.27 23.71
N HIS B 172 21.88 -1.41 25.03
CA HIS B 172 22.32 -2.63 25.68
C HIS B 172 21.41 -3.81 25.39
N MET B 173 20.34 -3.60 24.62
CA MET B 173 19.37 -4.66 24.31
C MET B 173 19.30 -4.97 22.83
N LYS B 174 20.19 -4.39 22.01
CA LYS B 174 20.10 -4.56 20.56
C LYS B 174 20.23 -6.02 20.13
N ARG B 175 20.95 -6.82 20.90
CA ARG B 175 21.13 -8.24 20.62
C ARG B 175 19.85 -9.03 20.82
N HIS B 176 18.78 -8.38 21.31
CA HIS B 176 17.56 -9.07 21.70
C HIS B 176 16.37 -8.67 20.84
N ASP B 177 16.61 -8.00 19.73
CA ASP B 177 15.54 -7.46 18.89
C ASP B 177 15.25 -8.46 17.78
N PHE B 178 14.38 -9.42 18.08
CA PHE B 178 14.01 -10.42 17.08
C PHE B 178 13.30 -9.79 15.90
N PHE B 179 12.42 -8.83 16.17
CA PHE B 179 11.52 -8.30 15.15
C PHE B 179 12.29 -7.70 13.98
N LYS B 180 13.29 -6.89 14.27
CA LYS B 180 14.03 -6.27 13.18
C LYS B 180 14.95 -7.27 12.49
N SER B 181 15.49 -8.23 13.26
CA SER B 181 16.42 -9.17 12.68
C SER B 181 15.75 -10.06 11.64
N ALA B 182 14.42 -10.21 11.70
CA ALA B 182 13.71 -11.00 10.70
C ALA B 182 13.53 -10.25 9.38
N MET B 183 13.87 -8.99 9.33
CA MET B 183 13.59 -8.19 8.15
C MET B 183 14.77 -8.26 7.17
N PRO B 184 14.54 -8.07 5.86
CA PRO B 184 13.26 -7.67 5.26
C PRO B 184 12.26 -8.79 4.98
N GLU B 185 12.67 -10.05 5.07
CA GLU B 185 11.77 -11.14 4.70
C GLU B 185 10.56 -11.20 5.61
N GLY B 186 10.73 -10.85 6.88
CA GLY B 186 9.61 -10.64 7.77
C GLY B 186 9.33 -11.80 8.70
N TYR B 187 8.23 -11.67 9.43
CA TYR B 187 7.81 -12.72 10.34
C TYR B 187 6.30 -12.89 10.32
N VAL B 188 5.87 -14.06 10.74
CA VAL B 188 4.45 -14.33 10.99
C VAL B 188 4.16 -14.07 12.45
N GLN B 189 3.09 -13.32 12.72
CA GLN B 189 2.64 -13.03 14.07
C GLN B 189 1.26 -13.64 14.24
N GLU B 190 1.13 -14.57 15.17
CA GLU B 190 -0.16 -15.17 15.46
C GLU B 190 -0.56 -14.87 16.90
N ARG B 191 -1.86 -14.61 17.11
CA ARG B 191 -2.34 -14.42 18.48
C ARG B 191 -3.67 -15.13 18.71
N THR B 192 -3.88 -15.51 19.96
CA THR B 192 -5.19 -15.77 20.51
C THR B 192 -5.46 -14.67 21.53
N ILE B 193 -6.58 -13.97 21.37
CA ILE B 193 -6.96 -12.92 22.32
C ILE B 193 -8.27 -13.35 22.95
N SER B 194 -8.26 -13.62 24.26
CA SER B 194 -9.44 -14.11 24.97
CA SER B 194 -9.43 -14.11 24.98
C SER B 194 -10.02 -12.98 25.82
N PHE B 195 -11.23 -12.56 25.47
CA PHE B 195 -11.96 -11.54 26.23
C PHE B 195 -12.70 -12.21 27.37
N LYS B 196 -12.39 -11.81 28.61
CA LYS B 196 -12.97 -12.46 29.79
C LYS B 196 -14.49 -12.41 29.74
N ASP B 197 -15.11 -13.57 29.98
CA ASP B 197 -16.56 -13.74 29.96
C ASP B 197 -17.16 -13.33 28.62
N ASP B 198 -16.37 -13.43 27.55
CA ASP B 198 -16.88 -13.14 26.22
C ASP B 198 -16.10 -13.95 25.19
N GLY B 199 -16.03 -13.46 23.96
CA GLY B 199 -15.49 -14.23 22.86
C GLY B 199 -13.98 -14.16 22.73
N THR B 200 -13.48 -14.68 21.61
CA THR B 200 -12.04 -14.86 21.41
C THR B 200 -11.68 -14.45 19.99
N TYR B 201 -10.58 -13.69 19.84
CA TYR B 201 -9.99 -13.43 18.53
C TYR B 201 -8.88 -14.42 18.24
N LYS B 202 -8.82 -14.88 16.99
CA LYS B 202 -7.65 -15.58 16.46
C LYS B 202 -7.11 -14.78 15.29
N THR B 203 -5.83 -14.42 15.33
CA THR B 203 -5.25 -13.58 14.30
C THR B 203 -4.00 -14.23 13.73
N ARG B 204 -3.79 -14.01 12.44
CA ARG B 204 -2.55 -14.41 11.78
C ARG B 204 -2.15 -13.27 10.86
N ALA B 205 -0.93 -12.77 11.04
CA ALA B 205 -0.42 -11.67 10.23
C ALA B 205 0.93 -12.03 9.65
N GLU B 206 1.20 -11.50 8.45
CA GLU B 206 2.54 -11.46 7.89
C GLU B 206 3.03 -10.02 7.92
N VAL B 207 4.16 -9.78 8.58
CA VAL B 207 4.78 -8.46 8.67
CA VAL B 207 4.73 -8.45 8.59
C VAL B 207 6.09 -8.52 7.91
N LYS B 208 6.24 -7.73 6.84
CA LYS B 208 7.44 -7.77 6.03
C LYS B 208 7.53 -6.51 5.19
N PHE B 209 8.71 -6.28 4.64
CA PHE B 209 8.89 -5.19 3.71
C PHE B 209 8.38 -5.58 2.33
N GLU B 210 7.65 -4.66 1.71
CA GLU B 210 7.27 -4.76 0.31
C GLU B 210 7.76 -3.45 -0.29
N GLY B 211 8.82 -3.52 -1.08
CA GLY B 211 9.51 -2.31 -1.50
C GLY B 211 10.06 -1.59 -0.28
N ASP B 212 9.75 -0.31 -0.16
CA ASP B 212 10.20 0.53 0.95
C ASP B 212 9.21 0.54 2.12
N THR B 213 8.10 -0.15 2.01
CA THR B 213 7.03 -0.07 2.99
CA THR B 213 7.03 -0.07 2.99
C THR B 213 7.01 -1.30 3.88
N LEU B 214 6.80 -1.07 5.18
CA LEU B 214 6.60 -2.16 6.12
C LEU B 214 5.11 -2.46 6.14
N VAL B 215 4.73 -3.68 5.77
CA VAL B 215 3.34 -4.06 5.58
C VAL B 215 2.97 -5.12 6.61
N ASN B 216 1.85 -4.89 7.29
CA ASN B 216 1.28 -5.84 8.24
C ASN B 216 -0.04 -6.30 7.64
N ARG B 217 -0.09 -7.55 7.17
CA ARG B 217 -1.29 -8.07 6.50
C ARG B 217 -1.91 -9.14 7.37
N ILE B 218 -3.15 -8.92 7.82
CA ILE B 218 -3.75 -9.68 8.92
C ILE B 218 -5.04 -10.36 8.49
N GLU B 219 -5.26 -11.57 9.00
CA GLU B 219 -6.56 -12.23 9.03
C GLU B 219 -6.98 -12.36 10.49
N LEU B 220 -8.24 -12.00 10.79
CA LEU B 220 -8.78 -12.11 12.14
C LEU B 220 -10.07 -12.91 12.13
N LYS B 221 -10.18 -13.91 13.02
CA LYS B 221 -11.46 -14.58 13.19
C LYS B 221 -11.87 -14.56 14.66
N GLY B 222 -13.06 -14.06 14.93
CA GLY B 222 -13.59 -13.98 16.29
C GLY B 222 -14.85 -14.83 16.43
N ILE B 223 -14.95 -15.57 17.54
CA ILE B 223 -16.06 -16.47 17.77
C ILE B 223 -16.56 -16.34 19.21
N ASP B 224 -17.80 -16.76 19.41
CA ASP B 224 -18.41 -16.90 20.74
C ASP B 224 -18.57 -15.57 21.46
N PHE B 225 -18.75 -14.49 20.71
CA PHE B 225 -19.02 -13.21 21.35
C PHE B 225 -20.49 -13.07 21.69
N LYS B 226 -20.76 -12.42 22.81
CA LYS B 226 -22.12 -12.12 23.23
C LYS B 226 -22.63 -10.91 22.46
N GLU B 227 -23.81 -11.03 21.86
CA GLU B 227 -24.32 -9.93 21.04
CA GLU B 227 -24.33 -9.93 21.05
C GLU B 227 -24.55 -8.68 21.88
N ASP B 228 -24.86 -8.83 23.16
CA ASP B 228 -25.03 -7.70 24.06
C ASP B 228 -23.85 -7.53 25.01
N GLY B 229 -22.68 -8.02 24.61
CA GLY B 229 -21.49 -7.89 25.42
C GLY B 229 -20.81 -6.56 25.23
N ASN B 230 -19.65 -6.42 25.89
CA ASN B 230 -18.90 -5.17 25.80
C ASN B 230 -18.35 -4.96 24.40
N ILE B 231 -18.12 -6.04 23.66
CA ILE B 231 -17.48 -5.94 22.34
C ILE B 231 -18.52 -5.71 21.25
N LEU B 232 -19.38 -6.70 21.00
CA LEU B 232 -20.40 -6.50 19.98
C LEU B 232 -21.43 -5.45 20.38
N GLY B 233 -21.58 -5.21 21.68
CA GLY B 233 -22.43 -4.15 22.17
C GLY B 233 -21.82 -2.76 22.14
N HIS B 234 -20.55 -2.62 21.76
CA HIS B 234 -19.85 -1.33 21.70
C HIS B 234 -19.95 -0.57 23.03
N LYS B 235 -19.46 -1.22 24.08
CA LYS B 235 -19.56 -0.65 25.43
C LYS B 235 -18.21 -0.20 25.98
N LEU B 236 -17.16 -0.23 25.17
CA LEU B 236 -15.83 0.14 25.63
C LEU B 236 -15.55 1.62 25.39
N GLU B 237 -14.82 2.22 26.31
N GLU B 237 -14.83 2.23 26.31
CA GLU B 237 -14.38 3.61 26.16
CA GLU B 237 -14.45 3.62 26.12
C GLU B 237 -13.35 3.70 25.03
C GLU B 237 -13.37 3.71 25.04
N TYR B 238 -13.48 4.75 24.20
CA TYR B 238 -12.57 4.91 23.08
C TYR B 238 -11.18 5.31 23.57
N ASN B 239 -11.09 6.34 24.41
CA ASN B 239 -9.78 6.75 24.94
C ASN B 239 -9.88 7.34 26.34
#